data_4M81
#
_entry.id   4M81
#
_cell.length_a   59.006
_cell.length_b   64.202
_cell.length_c   95.037
_cell.angle_alpha   90.00
_cell.angle_beta   90.00
_cell.angle_gamma   90.00
#
_symmetry.space_group_name_H-M   'P 21 21 21'
#
loop_
_entity.id
_entity.type
_entity.pdbx_description
1 polymer EXO-1,3-BETA-GLUCANASE
2 non-polymer 'alpha-D-glucopyranosyl fluoride'
3 non-polymer '4-nitrophenyl beta-D-glucopyranoside'
4 non-polymer GLYCEROL
5 water water
#
_entity_poly.entity_id   1
_entity_poly.type   'polypeptide(L)'
_entity_poly.pdbx_seq_one_letter_code
;GGHNVAWDYDNNVIRGVNLGGWFVLEPYMTPSLFEPFQNGNDQSGVPVDEYHWTQTLGKEAALRILQKHWSTWITEQDFK
QISNLGLNFVRIPIGYWAFQLLDNDPYVQGQVQYLEKALGWARKNNIRVWIDLHGAPGSQNGFDNSGLRDSYNFQNGDNT
QVTLNVLNTIFKKYGGNEYSDVVIGIELLNEPLGPVLNMDKLKQFFLDGYNSLRQTGSVTPVIIHDAFQVFGYWNNFLTV
AEGQWNVVVDHHHYQVFSGGELSRNINDHISVACNWGWDAKKESHWNVAGSWSAALTDCAKWLNGVNRGARYEGAYDNAP
YIGSCQPLLDISQWSDEHKTDTRRYIEAQLDAFEYTGGWVFWSWKTENAPEWSFQTLTYNGLFPQPVTDRQFPNQCGFH
;
_entity_poly.pdbx_strand_id   A
#
loop_
_chem_comp.id
_chem_comp.type
_chem_comp.name
_chem_comp.formula
GLF D-saccharide 'alpha-D-glucopyranosyl fluoride' 'C6 H11 F O5'
GOL non-polymer GLYCEROL 'C3 H8 O3'
PNW D-saccharide '4-nitrophenyl beta-D-glucopyranoside' 'C12 H15 N O8'
#
# COMPACT_ATOMS: atom_id res chain seq x y z
N ALA A 6 10.36 18.79 7.35
CA ALA A 6 8.99 18.48 7.77
C ALA A 6 8.92 17.14 8.49
N TRP A 7 10.01 16.37 8.40
CA TRP A 7 10.09 15.12 9.11
C TRP A 7 11.53 14.83 9.47
N ASP A 8 11.74 14.29 10.66
CA ASP A 8 13.07 13.84 11.06
C ASP A 8 13.06 12.32 11.08
N TYR A 9 13.62 11.73 10.03
CA TYR A 9 13.64 10.28 9.89
C TYR A 9 14.61 9.61 10.84
N ASP A 10 15.46 10.41 11.48
CA ASP A 10 16.36 9.92 12.51
C ASP A 10 15.67 9.83 13.87
N ASN A 11 14.76 10.76 14.14
CA ASN A 11 14.20 10.92 15.49
C ASN A 11 12.69 10.76 15.60
N ASN A 12 12.01 10.61 14.47
CA ASN A 12 10.56 10.45 14.47
C ASN A 12 10.16 9.05 14.01
N VAL A 13 9.02 8.57 14.49
CA VAL A 13 8.48 7.31 14.01
C VAL A 13 7.15 7.53 13.30
N ILE A 14 7.06 7.04 12.07
CA ILE A 14 5.83 7.14 11.31
C ILE A 14 4.77 6.22 11.91
N ARG A 15 3.60 6.80 12.17
CA ARG A 15 2.44 6.05 12.59
C ARG A 15 1.31 6.41 11.62
N GLY A 16 1.12 5.60 10.60
CA GLY A 16 0.28 6.02 9.50
C GLY A 16 -0.67 4.96 8.96
N VAL A 17 -1.55 5.39 8.07
CA VAL A 17 -2.40 4.48 7.32
C VAL A 17 -2.30 4.82 5.86
N ASN A 18 -2.57 3.82 5.03
CA ASN A 18 -2.70 4.06 3.61
C ASN A 18 -4.12 4.53 3.36
N LEU A 19 -4.27 5.41 2.37
CA LEU A 19 -5.59 5.74 1.85
C LEU A 19 -5.83 4.89 0.61
N GLY A 20 -5.80 3.59 0.80
CA GLY A 20 -5.97 2.66 -0.30
C GLY A 20 -7.41 2.65 -0.81
N GLY A 21 -7.57 2.20 -2.03
CA GLY A 21 -8.89 2.00 -2.61
C GLY A 21 -9.52 3.30 -3.08
N TRP A 22 -8.79 4.40 -2.87
CA TRP A 22 -9.31 5.72 -3.17
C TRP A 22 -9.09 6.06 -4.63
N PHE A 23 -7.83 6.23 -5.02
CA PHE A 23 -7.49 6.65 -6.37
C PHE A 23 -7.17 5.49 -7.30
N VAL A 24 -7.00 4.29 -6.73
CA VAL A 24 -6.84 3.09 -7.50
C VAL A 24 -7.82 2.08 -6.91
N LEU A 25 -8.80 1.68 -7.71
CA LEU A 25 -9.82 0.73 -7.27
C LEU A 25 -9.22 -0.63 -6.98
N GLU A 26 -9.65 -1.22 -5.87
CA GLU A 26 -9.27 -2.58 -5.50
C GLU A 26 -10.53 -3.31 -5.13
N PRO A 27 -10.89 -4.33 -5.92
CA PRO A 27 -12.12 -5.10 -5.72
C PRO A 27 -12.34 -5.52 -4.27
N TYR A 28 -11.31 -6.00 -3.58
CA TYR A 28 -11.53 -6.47 -2.21
C TYR A 28 -11.83 -5.32 -1.25
N MET A 29 -11.42 -4.11 -1.60
CA MET A 29 -11.62 -2.95 -0.73
C MET A 29 -12.96 -2.27 -0.99
N THR A 30 -13.35 -2.18 -2.26
CA THR A 30 -14.67 -1.67 -2.59
C THR A 30 -15.43 -2.67 -3.45
N PRO A 31 -15.79 -3.84 -2.89
CA PRO A 31 -16.46 -4.82 -3.73
C PRO A 31 -17.79 -4.34 -4.34
N SER A 32 -18.47 -3.41 -3.68
CA SER A 32 -19.74 -2.87 -4.17
C SER A 32 -19.61 -2.29 -5.57
N LEU A 33 -18.42 -1.84 -5.95
CA LEU A 33 -18.24 -1.28 -7.28
C LEU A 33 -18.10 -2.37 -8.35
N PHE A 34 -17.87 -3.61 -7.92
CA PHE A 34 -17.62 -4.71 -8.84
C PHE A 34 -18.75 -5.74 -8.86
N GLU A 35 -19.37 -5.96 -7.71
CA GLU A 35 -20.50 -6.88 -7.58
C GLU A 35 -21.67 -6.69 -8.59
N PRO A 36 -22.03 -5.43 -8.94
CA PRO A 36 -23.17 -5.30 -9.85
C PRO A 36 -22.98 -5.95 -11.20
N PHE A 37 -21.74 -6.19 -11.60
CA PHE A 37 -21.48 -6.82 -12.88
C PHE A 37 -21.78 -8.32 -12.84
N GLN A 38 -21.90 -8.87 -11.63
CA GLN A 38 -22.10 -10.28 -11.42
C GLN A 38 -23.43 -10.76 -12.00
N ASN A 39 -23.41 -12.01 -12.46
CA ASN A 39 -24.62 -12.70 -12.89
C ASN A 39 -24.85 -13.87 -11.96
N GLY A 40 -25.69 -13.67 -10.96
CA GLY A 40 -25.92 -14.68 -9.95
C GLY A 40 -24.61 -14.97 -9.25
N ASN A 41 -24.25 -16.24 -9.20
CA ASN A 41 -23.01 -16.63 -8.54
C ASN A 41 -21.82 -16.75 -9.50
N ASP A 42 -22.04 -16.48 -10.78
CA ASP A 42 -20.97 -16.49 -11.76
C ASP A 42 -20.21 -15.17 -11.72
N GLN A 43 -18.92 -15.26 -11.43
CA GLN A 43 -18.08 -14.07 -11.33
C GLN A 43 -17.29 -13.77 -12.60
N SER A 44 -17.42 -14.63 -13.61
CA SER A 44 -16.60 -14.48 -14.82
C SER A 44 -16.84 -13.18 -15.59
N GLY A 45 -17.95 -12.51 -15.33
CA GLY A 45 -18.24 -11.25 -16.02
C GLY A 45 -17.86 -9.97 -15.29
N VAL A 46 -17.26 -10.11 -14.11
CA VAL A 46 -16.84 -8.95 -13.33
C VAL A 46 -15.47 -8.45 -13.79
N PRO A 47 -15.35 -7.14 -14.07
CA PRO A 47 -14.06 -6.53 -14.45
C PRO A 47 -13.01 -6.83 -13.37
N VAL A 48 -11.81 -7.24 -13.76
CA VAL A 48 -10.85 -7.69 -12.76
C VAL A 48 -9.96 -6.60 -12.19
N ASP A 49 -10.09 -5.39 -12.70
CA ASP A 49 -9.20 -4.29 -12.30
C ASP A 49 -9.79 -2.98 -12.78
N GLU A 50 -9.19 -1.87 -12.36
CA GLU A 50 -9.69 -0.56 -12.76
C GLU A 50 -9.65 -0.36 -14.27
N TYR A 51 -8.62 -0.91 -14.92
CA TYR A 51 -8.51 -0.82 -16.37
C TYR A 51 -9.80 -1.32 -17.01
N HIS A 52 -10.17 -2.55 -16.64
CA HIS A 52 -11.30 -3.23 -17.27
C HIS A 52 -12.63 -2.70 -16.78
N TRP A 53 -12.64 -2.22 -15.53
CA TRP A 53 -13.80 -1.58 -14.95
C TRP A 53 -14.19 -0.34 -15.74
N THR A 54 -13.26 0.60 -15.89
CA THR A 54 -13.50 1.82 -16.68
C THR A 54 -13.81 1.49 -18.14
N GLN A 55 -13.12 0.50 -18.67
CA GLN A 55 -13.33 0.13 -20.06
C GLN A 55 -14.74 -0.38 -20.31
N THR A 56 -15.20 -1.27 -19.44
CA THR A 56 -16.55 -1.82 -19.59
C THR A 56 -17.61 -0.75 -19.37
N LEU A 57 -17.38 0.09 -18.36
CA LEU A 57 -18.33 1.15 -18.06
C LEU A 57 -18.38 2.21 -19.15
N GLY A 58 -17.23 2.43 -19.79
CA GLY A 58 -17.08 3.57 -20.69
C GLY A 58 -16.84 4.84 -19.89
N LYS A 59 -16.39 5.89 -20.58
CA LYS A 59 -15.89 7.09 -19.93
C LYS A 59 -16.94 7.82 -19.08
N GLU A 60 -18.13 8.01 -19.63
CA GLU A 60 -19.17 8.77 -18.96
C GLU A 60 -19.59 8.14 -17.64
N ALA A 61 -19.95 6.87 -17.66
CA ALA A 61 -20.38 6.16 -16.46
C ALA A 61 -19.23 6.03 -15.46
N ALA A 62 -18.05 5.61 -15.93
CA ALA A 62 -16.89 5.47 -15.06
C ALA A 62 -16.61 6.79 -14.34
N LEU A 63 -16.67 7.91 -15.06
CA LEU A 63 -16.42 9.21 -14.43
C LEU A 63 -17.49 9.55 -13.41
N ARG A 64 -18.75 9.33 -13.74
CA ARG A 64 -19.83 9.53 -12.78
C ARG A 64 -19.64 8.71 -11.50
N ILE A 65 -19.36 7.42 -11.68
CA ILE A 65 -19.26 6.53 -10.54
C ILE A 65 -18.01 6.85 -9.70
N LEU A 66 -16.89 7.11 -10.38
CA LEU A 66 -15.66 7.50 -9.69
C LEU A 66 -15.73 8.86 -8.99
N GLN A 67 -16.44 9.82 -9.57
CA GLN A 67 -16.56 11.12 -8.92
C GLN A 67 -17.32 11.01 -7.59
N LYS A 68 -18.31 10.14 -7.57
CA LYS A 68 -19.05 9.87 -6.34
C LYS A 68 -18.14 9.16 -5.34
N HIS A 69 -17.35 8.21 -5.83
CA HIS A 69 -16.38 7.51 -4.99
C HIS A 69 -15.32 8.45 -4.43
N TRP A 70 -14.68 9.22 -5.30
CA TRP A 70 -13.60 10.12 -4.89
C TRP A 70 -14.05 11.15 -3.85
N SER A 71 -15.25 11.69 -4.03
CA SER A 71 -15.76 12.75 -3.16
C SER A 71 -16.33 12.26 -1.83
N THR A 72 -16.41 10.94 -1.64
CA THR A 72 -17.02 10.38 -0.42
C THR A 72 -16.11 9.41 0.34
N TRP A 73 -15.24 8.70 -0.37
CA TRP A 73 -14.48 7.61 0.24
C TRP A 73 -13.53 8.12 1.33
N ILE A 74 -12.82 9.20 1.01
CA ILE A 74 -12.02 9.91 1.99
C ILE A 74 -12.38 11.38 1.94
N THR A 75 -12.61 11.99 3.10
CA THR A 75 -12.87 13.42 3.16
C THR A 75 -12.04 14.00 4.30
N GLU A 76 -12.25 15.28 4.60
CA GLU A 76 -11.47 15.93 5.65
C GLU A 76 -11.73 15.32 7.02
N GLN A 77 -12.93 14.77 7.20
CA GLN A 77 -13.31 14.11 8.45
C GLN A 77 -12.43 12.89 8.73
N ASP A 78 -12.03 12.19 7.68
CA ASP A 78 -11.12 11.06 7.84
C ASP A 78 -9.78 11.51 8.35
N PHE A 79 -9.27 12.62 7.81
CA PHE A 79 -7.99 13.16 8.25
C PHE A 79 -8.04 13.60 9.70
N LYS A 80 -9.13 14.24 10.10
CA LYS A 80 -9.29 14.63 11.50
C LYS A 80 -9.32 13.40 12.42
N GLN A 81 -10.05 12.35 12.01
CA GLN A 81 -10.11 11.11 12.77
C GLN A 81 -8.75 10.42 12.83
N ILE A 82 -8.04 10.41 11.69
CA ILE A 82 -6.69 9.85 11.64
C ILE A 82 -5.83 10.56 12.69
N SER A 83 -5.96 11.88 12.72
CA SER A 83 -5.26 12.69 13.71
C SER A 83 -5.71 12.38 15.13
N ASN A 84 -7.03 12.31 15.36
CA ASN A 84 -7.55 11.99 16.68
C ASN A 84 -7.06 10.66 17.22
N LEU A 85 -6.83 9.71 16.32
CA LEU A 85 -6.38 8.39 16.73
C LEU A 85 -4.88 8.30 17.01
N GLY A 86 -4.19 9.44 16.93
CA GLY A 86 -2.79 9.52 17.28
C GLY A 86 -1.87 9.12 16.15
N LEU A 87 -2.40 9.10 14.93
CA LEU A 87 -1.63 8.85 13.72
C LEU A 87 -1.04 10.17 13.23
N ASN A 88 0.11 10.10 12.58
CA ASN A 88 0.80 11.31 12.14
C ASN A 88 1.10 11.32 10.64
N PHE A 89 0.57 10.35 9.90
CA PHE A 89 1.03 10.13 8.54
C PHE A 89 0.01 9.42 7.66
N VAL A 90 -0.03 9.78 6.37
CA VAL A 90 -0.74 8.99 5.38
C VAL A 90 0.10 8.73 4.13
N ARG A 91 -0.05 7.53 3.58
CA ARG A 91 0.54 7.20 2.29
C ARG A 91 -0.61 7.23 1.30
N ILE A 92 -0.44 7.95 0.20
CA ILE A 92 -1.55 8.12 -0.76
C ILE A 92 -1.23 7.49 -2.11
N PRO A 93 -1.78 6.29 -2.37
CA PRO A 93 -1.60 5.64 -3.67
C PRO A 93 -2.33 6.37 -4.77
N ILE A 94 -1.68 6.50 -5.91
CA ILE A 94 -2.32 7.07 -7.08
C ILE A 94 -1.77 6.34 -8.29
N GLY A 95 -2.58 6.16 -9.34
CA GLY A 95 -2.13 5.48 -10.53
C GLY A 95 -1.53 6.47 -11.54
N TYR A 96 -0.69 5.99 -12.45
CA TYR A 96 -0.08 6.88 -13.45
C TYR A 96 -1.15 7.63 -14.24
N TRP A 97 -2.30 6.99 -14.45
CA TRP A 97 -3.38 7.51 -15.28
C TRP A 97 -4.05 8.78 -14.74
N ALA A 98 -3.78 9.10 -13.49
CA ALA A 98 -4.28 10.35 -12.93
C ALA A 98 -3.56 11.53 -13.58
N PHE A 99 -2.41 11.25 -14.17
CA PHE A 99 -1.52 12.29 -14.66
C PHE A 99 -1.36 12.19 -16.15
N GLN A 100 -1.42 10.97 -16.67
CA GLN A 100 -1.15 10.77 -18.07
C GLN A 100 -1.79 9.49 -18.56
N LEU A 101 -2.50 9.57 -19.69
CA LEU A 101 -3.09 8.40 -20.31
C LEU A 101 -2.26 7.93 -21.50
N LEU A 102 -2.08 6.62 -21.61
CA LEU A 102 -1.55 6.05 -22.83
C LEU A 102 -2.63 6.18 -23.89
N ASP A 103 -2.25 6.09 -25.17
CA ASP A 103 -3.25 5.99 -26.23
C ASP A 103 -4.13 4.80 -25.94
N ASN A 104 -5.44 4.97 -26.03
CA ASN A 104 -6.41 3.89 -25.82
C ASN A 104 -6.65 3.50 -24.36
N ASP A 105 -6.06 4.23 -23.41
CA ASP A 105 -6.38 3.93 -22.01
C ASP A 105 -7.83 4.23 -21.74
N PRO A 106 -8.53 3.30 -21.09
CA PRO A 106 -9.93 3.46 -20.71
C PRO A 106 -10.07 4.31 -19.46
N TYR A 107 -8.97 4.51 -18.75
CA TYR A 107 -9.02 5.21 -17.47
C TYR A 107 -9.60 6.60 -17.58
N VAL A 108 -10.28 7.03 -16.51
CA VAL A 108 -10.74 8.40 -16.43
C VAL A 108 -9.91 9.14 -15.40
N GLN A 109 -9.86 10.46 -15.54
CA GLN A 109 -8.99 11.26 -14.70
C GLN A 109 -9.83 12.15 -13.81
N GLY A 110 -9.17 12.92 -12.96
CA GLY A 110 -9.85 13.75 -11.98
C GLY A 110 -9.40 13.48 -10.57
N GLN A 111 -8.54 12.48 -10.40
CA GLN A 111 -7.97 12.15 -9.09
C GLN A 111 -7.13 13.30 -8.51
N VAL A 112 -6.42 14.01 -9.37
CA VAL A 112 -5.52 15.08 -8.92
C VAL A 112 -6.25 16.10 -8.05
N GLN A 113 -7.46 16.49 -8.46
CA GLN A 113 -8.28 17.40 -7.67
C GLN A 113 -8.37 16.94 -6.23
N TYR A 114 -8.59 15.64 -6.04
CA TYR A 114 -8.83 15.12 -4.70
C TYR A 114 -7.54 14.86 -3.95
N LEU A 115 -6.47 14.53 -4.69
CA LEU A 115 -5.16 14.42 -4.09
C LEU A 115 -4.80 15.76 -3.45
N GLU A 116 -5.07 16.83 -4.16
CA GLU A 116 -4.67 18.15 -3.69
C GLU A 116 -5.55 18.61 -2.54
N LYS A 117 -6.84 18.27 -2.59
CA LYS A 117 -7.69 18.44 -1.42
C LYS A 117 -7.10 17.73 -0.21
N ALA A 118 -6.64 16.49 -0.42
CA ALA A 118 -6.09 15.67 0.68
C ALA A 118 -4.80 16.25 1.27
N LEU A 119 -3.97 16.83 0.42
CA LEU A 119 -2.76 17.46 0.89
C LEU A 119 -3.08 18.65 1.79
N GLY A 120 -4.10 19.43 1.42
CA GLY A 120 -4.57 20.50 2.27
C GLY A 120 -5.15 20.01 3.58
N TRP A 121 -5.90 18.92 3.53
CA TRP A 121 -6.47 18.30 4.73
C TRP A 121 -5.37 17.76 5.64
N ALA A 122 -4.33 17.21 5.02
CA ALA A 122 -3.17 16.75 5.76
C ALA A 122 -2.54 17.94 6.48
N ARG A 123 -2.38 19.05 5.77
CA ARG A 123 -1.77 20.25 6.35
C ARG A 123 -2.56 20.78 7.54
N LYS A 124 -3.88 20.87 7.38
CA LYS A 124 -4.77 21.36 8.43
C LYS A 124 -4.68 20.50 9.68
N ASN A 125 -4.39 19.21 9.48
CA ASN A 125 -4.35 18.26 10.58
C ASN A 125 -2.96 17.82 11.06
N ASN A 126 -1.93 18.55 10.63
CA ASN A 126 -0.54 18.21 10.96
C ASN A 126 -0.18 16.75 10.64
N ILE A 127 -0.70 16.26 9.53
CA ILE A 127 -0.39 14.91 9.04
C ILE A 127 0.57 15.01 7.84
N ARG A 128 1.63 14.20 7.85
CA ARG A 128 2.58 14.18 6.73
C ARG A 128 2.19 13.12 5.71
N VAL A 129 2.78 13.22 4.52
CA VAL A 129 2.30 12.44 3.39
C VAL A 129 3.43 11.84 2.56
N TRP A 130 3.25 10.60 2.12
CA TRP A 130 3.98 10.12 0.95
C TRP A 130 3.01 10.09 -0.20
N ILE A 131 3.46 10.55 -1.35
CA ILE A 131 2.70 10.31 -2.57
C ILE A 131 3.28 9.08 -3.25
N ASP A 132 2.44 8.08 -3.48
CA ASP A 132 2.88 6.76 -3.91
C ASP A 132 2.37 6.46 -5.30
N LEU A 133 3.28 6.37 -6.28
CA LEU A 133 2.89 5.95 -7.61
C LEU A 133 2.63 4.44 -7.57
N HIS A 134 1.35 4.08 -7.43
CA HIS A 134 0.92 2.71 -7.16
C HIS A 134 0.79 1.86 -8.41
N GLY A 135 0.68 2.50 -9.57
CA GLY A 135 0.47 1.78 -10.80
C GLY A 135 1.18 2.45 -11.96
N ALA A 136 1.91 1.65 -12.72
CA ALA A 136 2.70 2.14 -13.85
C ALA A 136 2.13 1.58 -15.15
N PRO A 137 2.32 2.32 -16.26
CA PRO A 137 1.83 1.82 -17.55
C PRO A 137 2.35 0.43 -17.86
N GLY A 138 1.48 -0.43 -18.37
CA GLY A 138 1.85 -1.80 -18.65
C GLY A 138 1.89 -2.69 -17.41
N SER A 139 1.81 -2.05 -16.24
CA SER A 139 1.87 -2.72 -14.93
C SER A 139 3.25 -3.21 -14.55
N GLN A 140 3.64 -2.89 -13.32
CA GLN A 140 4.92 -3.31 -12.76
C GLN A 140 4.84 -4.63 -12.00
N ASN A 141 3.66 -5.24 -11.92
CA ASN A 141 3.54 -6.42 -11.06
C ASN A 141 2.40 -7.40 -11.38
N GLY A 142 1.51 -7.01 -12.29
CA GLY A 142 0.38 -7.87 -12.63
C GLY A 142 -0.65 -8.05 -11.52
N PHE A 143 -0.57 -7.23 -10.47
CA PHE A 143 -1.56 -7.25 -9.39
C PHE A 143 -2.71 -6.36 -9.81
N ASP A 144 -3.93 -6.66 -9.35
CA ASP A 144 -5.04 -5.79 -9.72
C ASP A 144 -4.85 -4.36 -9.20
N ASN A 145 -4.12 -4.23 -8.10
CA ASN A 145 -3.88 -2.92 -7.51
C ASN A 145 -2.87 -2.06 -8.26
N SER A 146 -2.30 -2.58 -9.34
CA SER A 146 -1.51 -1.75 -10.26
C SER A 146 -2.44 -1.08 -11.26
N GLY A 147 -3.69 -1.52 -11.29
CA GLY A 147 -4.65 -1.05 -12.27
C GLY A 147 -4.87 -2.10 -13.35
N LEU A 148 -3.85 -2.90 -13.60
CA LEU A 148 -3.89 -3.90 -14.67
C LEU A 148 -3.37 -5.25 -14.20
N ARG A 149 -4.30 -6.19 -14.02
CA ARG A 149 -3.98 -7.50 -13.50
C ARG A 149 -3.40 -8.41 -14.57
N ASP A 150 -2.46 -9.27 -14.16
CA ASP A 150 -2.00 -10.40 -14.98
C ASP A 150 -1.17 -10.05 -16.21
N SER A 151 -0.60 -8.85 -16.24
CA SER A 151 0.44 -8.55 -17.21
C SER A 151 1.47 -7.69 -16.50
N TYR A 152 2.72 -7.76 -16.94
CA TYR A 152 3.71 -6.86 -16.36
C TYR A 152 4.70 -6.38 -17.41
N ASN A 153 4.28 -5.34 -18.12
CA ASN A 153 5.05 -4.81 -19.22
C ASN A 153 5.61 -3.44 -18.92
N PHE A 154 5.74 -3.12 -17.64
CA PHE A 154 6.39 -1.88 -17.19
C PHE A 154 7.75 -1.63 -17.86
N GLN A 155 8.53 -2.69 -18.08
CA GLN A 155 9.87 -2.54 -18.67
C GLN A 155 9.89 -2.78 -20.19
N ASN A 156 8.71 -2.86 -20.77
CA ASN A 156 8.62 -3.07 -22.20
CA ASN A 156 8.54 -3.12 -22.20
C ASN A 156 8.16 -1.81 -22.90
N GLY A 157 8.54 -1.68 -24.17
CA GLY A 157 8.16 -0.52 -24.96
C GLY A 157 8.61 0.77 -24.32
N ASP A 158 7.72 1.76 -24.30
CA ASP A 158 8.00 3.06 -23.71
C ASP A 158 7.41 3.19 -22.31
N ASN A 159 7.04 2.07 -21.70
CA ASN A 159 6.36 2.14 -20.41
C ASN A 159 7.23 2.72 -19.30
N THR A 160 8.51 2.34 -19.24
CA THR A 160 9.38 2.95 -18.23
C THR A 160 9.53 4.46 -18.44
N GLN A 161 9.71 4.88 -19.68
CA GLN A 161 9.83 6.31 -19.97
C GLN A 161 8.57 7.07 -19.58
N VAL A 162 7.40 6.54 -19.92
CA VAL A 162 6.14 7.19 -19.54
C VAL A 162 6.05 7.30 -18.02
N THR A 163 6.51 6.25 -17.33
CA THR A 163 6.51 6.24 -15.88
C THR A 163 7.37 7.38 -15.35
N LEU A 164 8.56 7.54 -15.91
CA LEU A 164 9.45 8.62 -15.51
C LEU A 164 8.87 10.01 -15.83
N ASN A 165 8.16 10.12 -16.95
CA ASN A 165 7.51 11.37 -17.31
C ASN A 165 6.44 11.74 -16.30
N VAL A 166 5.67 10.74 -15.87
CA VAL A 166 4.64 10.92 -14.84
C VAL A 166 5.28 11.33 -13.52
N LEU A 167 6.36 10.66 -13.14
CA LEU A 167 7.08 11.02 -11.93
C LEU A 167 7.60 12.46 -11.99
N ASN A 168 8.08 12.89 -13.17
CA ASN A 168 8.56 14.25 -13.30
C ASN A 168 7.44 15.26 -13.06
N THR A 169 6.25 14.94 -13.56
CA THR A 169 5.06 15.72 -13.26
C THR A 169 4.78 15.74 -11.75
N ILE A 170 4.83 14.57 -11.13
CA ILE A 170 4.62 14.46 -9.68
C ILE A 170 5.69 15.25 -8.92
N PHE A 171 6.94 15.12 -9.39
CA PHE A 171 8.06 15.84 -8.80
C PHE A 171 7.84 17.35 -8.81
N LYS A 172 7.40 17.88 -9.96
CA LYS A 172 7.23 19.32 -10.13
C LYS A 172 6.07 19.85 -9.28
N LYS A 173 4.97 19.11 -9.26
CA LYS A 173 3.79 19.56 -8.53
C LYS A 173 3.90 19.35 -7.02
N TYR A 174 4.54 18.27 -6.60
CA TYR A 174 4.44 17.88 -5.19
C TYR A 174 5.80 17.74 -4.48
N GLY A 175 6.87 17.94 -5.22
CA GLY A 175 8.19 17.76 -4.67
C GLY A 175 8.82 19.10 -4.36
N GLY A 176 8.07 20.18 -4.56
CA GLY A 176 8.64 21.51 -4.42
C GLY A 176 8.19 22.26 -3.18
N ASN A 177 8.36 23.57 -3.21
CA ASN A 177 8.12 24.37 -2.02
C ASN A 177 6.67 24.39 -1.56
N GLU A 178 5.73 24.31 -2.49
CA GLU A 178 4.33 24.41 -2.13
C GLU A 178 3.92 23.38 -1.07
N TYR A 179 4.50 22.19 -1.14
CA TYR A 179 4.09 21.14 -0.23
C TYR A 179 5.21 20.62 0.70
N SER A 180 6.26 21.43 0.83
CA SER A 180 7.42 21.05 1.63
C SER A 180 7.09 20.82 3.11
N ASP A 181 5.96 21.35 3.56
CA ASP A 181 5.53 21.16 4.94
C ASP A 181 4.62 19.93 5.14
N VAL A 182 4.31 19.24 4.04
CA VAL A 182 3.34 18.15 4.07
C VAL A 182 3.94 16.86 3.51
N VAL A 183 4.50 16.95 2.32
CA VAL A 183 5.01 15.80 1.61
C VAL A 183 6.39 15.42 2.10
N ILE A 184 6.48 14.30 2.79
CA ILE A 184 7.77 13.85 3.32
C ILE A 184 8.30 12.65 2.55
N GLY A 185 7.70 12.37 1.40
CA GLY A 185 8.27 11.39 0.49
C GLY A 185 7.48 11.26 -0.81
N ILE A 186 8.18 10.97 -1.89
CA ILE A 186 7.51 10.58 -3.11
C ILE A 186 8.03 9.19 -3.46
N GLU A 187 7.12 8.22 -3.54
CA GLU A 187 7.51 6.85 -3.79
C GLU A 187 7.47 6.54 -5.28
N LEU A 188 8.62 6.19 -5.84
CA LEU A 188 8.79 6.14 -7.29
C LEU A 188 7.88 5.12 -7.94
N LEU A 189 7.68 4.00 -7.27
CA LEU A 189 6.91 2.89 -7.83
C LEU A 189 6.55 1.89 -6.75
N ASN A 190 5.26 1.71 -6.51
CA ASN A 190 4.81 0.70 -5.57
C ASN A 190 5.06 -0.71 -6.09
N GLU A 191 5.65 -1.55 -5.25
CA GLU A 191 5.74 -2.99 -5.53
C GLU A 191 6.10 -3.44 -6.96
N PRO A 192 7.23 -2.95 -7.51
CA PRO A 192 7.68 -3.59 -8.74
C PRO A 192 7.98 -5.05 -8.41
N LEU A 193 7.47 -5.98 -9.21
CA LEU A 193 7.60 -7.39 -8.90
C LEU A 193 8.98 -7.90 -9.29
N GLY A 194 9.96 -7.63 -8.40
CA GLY A 194 11.34 -8.04 -8.59
C GLY A 194 11.60 -9.33 -9.35
N PRO A 195 11.00 -10.45 -8.92
CA PRO A 195 11.36 -11.75 -9.51
C PRO A 195 11.09 -11.89 -11.01
N VAL A 196 10.20 -11.07 -11.56
CA VAL A 196 9.90 -11.17 -12.99
C VAL A 196 10.45 -10.00 -13.78
N LEU A 197 11.13 -9.08 -13.10
CA LEU A 197 11.70 -7.92 -13.78
C LEU A 197 13.21 -8.03 -13.96
N ASN A 198 13.75 -7.19 -14.84
CA ASN A 198 15.19 -6.98 -14.94
C ASN A 198 15.61 -6.00 -13.84
N MET A 199 16.34 -6.51 -12.85
CA MET A 199 16.62 -5.72 -11.65
C MET A 199 17.61 -4.59 -11.92
N ASP A 200 18.51 -4.81 -12.87
CA ASP A 200 19.43 -3.78 -13.33
C ASP A 200 18.64 -2.62 -13.96
N LYS A 201 17.66 -2.95 -14.78
CA LYS A 201 16.81 -1.91 -15.37
C LYS A 201 15.98 -1.19 -14.32
N LEU A 202 15.52 -1.93 -13.31
CA LEU A 202 14.73 -1.32 -12.23
C LEU A 202 15.59 -0.37 -11.42
N LYS A 203 16.81 -0.77 -11.11
CA LYS A 203 17.74 0.12 -10.43
C LYS A 203 17.98 1.40 -11.24
N GLN A 204 18.20 1.25 -12.54
CA GLN A 204 18.42 2.40 -13.41
C GLN A 204 17.22 3.35 -13.35
N PHE A 205 16.03 2.77 -13.41
CA PHE A 205 14.79 3.51 -13.24
C PHE A 205 14.74 4.24 -11.90
N PHE A 206 15.01 3.54 -10.80
CA PHE A 206 15.05 4.20 -9.48
C PHE A 206 16.04 5.36 -9.46
N LEU A 207 17.21 5.14 -10.05
CA LEU A 207 18.25 6.15 -10.10
C LEU A 207 17.85 7.35 -10.98
N ASP A 208 17.23 7.06 -12.12
CA ASP A 208 16.71 8.12 -12.97
C ASP A 208 15.66 8.95 -12.24
N GLY A 209 14.79 8.28 -11.48
CA GLY A 209 13.76 8.97 -10.73
C GLY A 209 14.40 9.84 -9.66
N TYR A 210 15.37 9.27 -8.96
CA TYR A 210 16.08 9.99 -7.90
C TYR A 210 16.76 11.23 -8.46
N ASN A 211 17.53 11.04 -9.52
CA ASN A 211 18.25 12.15 -10.13
C ASN A 211 17.31 13.24 -10.64
N SER A 212 16.25 12.84 -11.34
CA SER A 212 15.26 13.78 -11.86
CA SER A 212 15.27 13.79 -11.86
C SER A 212 14.65 14.64 -10.76
N LEU A 213 14.20 14.00 -9.68
CA LEU A 213 13.63 14.72 -8.56
C LEU A 213 14.58 15.77 -8.00
N ARG A 214 15.80 15.34 -7.68
CA ARG A 214 16.79 16.23 -7.10
C ARG A 214 17.13 17.36 -8.06
N GLN A 215 17.13 17.04 -9.37
CA GLN A 215 17.41 18.04 -10.39
C GLN A 215 16.37 19.17 -10.45
N THR A 216 15.17 18.92 -9.95
CA THR A 216 14.16 19.99 -9.86
C THR A 216 14.44 20.93 -8.70
N GLY A 217 15.44 20.61 -7.89
CA GLY A 217 15.77 21.40 -6.71
C GLY A 217 15.02 20.91 -5.49
N SER A 218 14.33 19.78 -5.65
CA SER A 218 13.58 19.19 -4.56
C SER A 218 14.47 18.46 -3.55
N VAL A 219 14.16 18.62 -2.27
CA VAL A 219 14.90 17.93 -1.20
C VAL A 219 14.00 16.88 -0.56
N THR A 220 12.86 16.61 -1.20
CA THR A 220 11.90 15.63 -0.71
C THR A 220 12.55 14.27 -0.64
N PRO A 221 12.29 13.52 0.45
CA PRO A 221 12.82 12.16 0.49
C PRO A 221 12.30 11.29 -0.68
N VAL A 222 13.21 10.53 -1.28
CA VAL A 222 12.85 9.57 -2.31
C VAL A 222 12.57 8.22 -1.64
N ILE A 223 11.40 7.67 -1.90
CA ILE A 223 11.01 6.42 -1.29
C ILE A 223 11.09 5.36 -2.36
N ILE A 224 11.88 4.32 -2.10
CA ILE A 224 11.94 3.19 -3.01
C ILE A 224 11.38 1.92 -2.37
N HIS A 225 10.40 1.32 -3.03
CA HIS A 225 9.88 0.07 -2.56
C HIS A 225 10.94 -1.02 -2.79
N ASP A 226 11.00 -1.98 -1.88
CA ASP A 226 12.09 -2.97 -1.87
C ASP A 226 12.05 -4.02 -2.99
N ALA A 227 10.99 -3.97 -3.81
CA ALA A 227 10.80 -4.87 -4.96
C ALA A 227 10.81 -6.33 -4.56
N PHE A 228 10.40 -6.59 -3.32
CA PHE A 228 10.36 -7.94 -2.75
C PHE A 228 11.73 -8.58 -2.66
N GLN A 229 12.77 -7.76 -2.54
CA GLN A 229 14.11 -8.27 -2.37
C GLN A 229 14.37 -8.61 -0.90
N VAL A 230 15.43 -9.37 -0.67
CA VAL A 230 15.78 -9.73 0.69
C VAL A 230 16.14 -8.45 1.46
N PHE A 231 15.95 -8.47 2.76
CA PHE A 231 16.42 -7.40 3.63
C PHE A 231 17.90 -7.10 3.35
N GLY A 232 18.24 -5.82 3.33
CA GLY A 232 19.60 -5.40 3.10
C GLY A 232 20.04 -5.31 1.65
N TYR A 233 19.21 -5.81 0.73
CA TYR A 233 19.54 -5.81 -0.69
C TYR A 233 19.87 -4.42 -1.22
N TRP A 234 19.17 -3.41 -0.70
CA TRP A 234 19.28 -2.04 -1.20
C TRP A 234 20.32 -1.24 -0.43
N ASN A 235 21.01 -1.89 0.49
CA ASN A 235 22.02 -1.21 1.31
C ASN A 235 23.07 -0.49 0.48
N ASN A 236 23.50 -1.09 -0.62
CA ASN A 236 24.54 -0.50 -1.44
C ASN A 236 24.03 0.38 -2.59
N PHE A 237 22.75 0.73 -2.54
CA PHE A 237 22.13 1.47 -3.64
C PHE A 237 21.62 2.84 -3.16
N LEU A 238 21.83 3.89 -3.94
CA LEU A 238 21.41 5.23 -3.54
C LEU A 238 21.99 5.56 -2.18
N THR A 239 23.31 5.61 -2.11
CA THR A 239 24.00 5.72 -0.82
C THR A 239 24.63 7.09 -0.62
N VAL A 240 24.79 7.44 0.63
CA VAL A 240 25.51 8.65 1.03
C VAL A 240 26.92 8.67 0.42
N ALA A 241 27.57 7.52 0.35
CA ALA A 241 28.91 7.44 -0.25
C ALA A 241 28.94 7.95 -1.70
N GLU A 242 27.81 7.85 -2.38
N GLU A 242 27.81 7.83 -2.38
CA GLU A 242 27.71 8.30 -3.77
CA GLU A 242 27.70 8.29 -3.77
C GLU A 242 26.98 9.63 -3.87
C GLU A 242 26.99 9.63 -3.88
N GLY A 243 26.86 10.33 -2.75
CA GLY A 243 26.23 11.64 -2.73
C GLY A 243 24.74 11.57 -2.96
N GLN A 244 24.16 10.42 -2.63
CA GLN A 244 22.75 10.22 -2.80
C GLN A 244 22.11 10.14 -1.41
N TRP A 245 21.17 11.03 -1.13
CA TRP A 245 20.77 11.28 0.25
C TRP A 245 19.26 11.49 0.31
N ASN A 246 18.71 11.42 1.52
CA ASN A 246 17.26 11.49 1.72
C ASN A 246 16.54 10.38 0.96
N VAL A 247 16.96 9.15 1.19
CA VAL A 247 16.37 7.97 0.57
C VAL A 247 15.83 7.03 1.63
N VAL A 248 14.58 6.61 1.47
CA VAL A 248 13.94 5.68 2.40
C VAL A 248 13.52 4.41 1.67
N VAL A 249 13.74 3.26 2.29
CA VAL A 249 13.28 2.00 1.75
C VAL A 249 11.94 1.65 2.37
N ASP A 250 10.96 1.40 1.52
CA ASP A 250 9.64 1.00 1.96
C ASP A 250 9.54 -0.51 1.83
N HIS A 251 9.39 -1.19 2.97
CA HIS A 251 9.20 -2.64 3.00
C HIS A 251 7.75 -2.96 3.23
N HIS A 252 7.22 -3.94 2.51
CA HIS A 252 5.84 -4.40 2.77
C HIS A 252 5.90 -5.79 3.42
N HIS A 253 4.99 -6.04 4.35
CA HIS A 253 5.04 -7.27 5.12
C HIS A 253 3.66 -7.88 5.31
N TYR A 254 3.49 -9.09 4.81
CA TYR A 254 2.27 -9.87 5.04
C TYR A 254 2.65 -11.32 5.28
N GLN A 255 1.73 -12.07 5.87
CA GLN A 255 1.94 -13.50 6.08
C GLN A 255 0.73 -14.30 5.64
N VAL A 256 0.14 -13.89 4.52
CA VAL A 256 -1.08 -14.53 4.05
C VAL A 256 -1.08 -14.91 2.55
N PHE A 257 -0.01 -14.63 1.81
CA PHE A 257 -0.07 -14.81 0.36
C PHE A 257 0.59 -16.10 -0.17
N SER A 258 0.74 -17.08 0.71
CA SER A 258 1.17 -18.42 0.31
C SER A 258 0.66 -19.41 1.34
N GLY A 259 0.48 -20.65 0.92
CA GLY A 259 0.02 -21.71 1.81
C GLY A 259 0.92 -21.85 3.02
N GLY A 260 2.23 -21.75 2.81
CA GLY A 260 3.19 -21.90 3.87
C GLY A 260 3.05 -20.87 4.96
N GLU A 261 2.83 -19.62 4.54
CA GLU A 261 2.69 -18.51 5.46
C GLU A 261 1.38 -18.63 6.22
N LEU A 262 0.32 -19.01 5.51
CA LEU A 262 -0.99 -19.15 6.12
C LEU A 262 -1.02 -20.30 7.14
N SER A 263 -0.12 -21.26 6.99
CA SER A 263 -0.13 -22.45 7.86
C SER A 263 0.54 -22.21 9.22
N ARG A 264 1.18 -21.07 9.39
CA ARG A 264 1.88 -20.79 10.65
C ARG A 264 0.92 -20.66 11.81
N ASN A 265 1.28 -21.25 12.96
CA ASN A 265 0.54 -20.95 14.18
C ASN A 265 0.80 -19.50 14.59
N ILE A 266 0.02 -19.00 15.53
CA ILE A 266 0.12 -17.59 15.93
C ILE A 266 1.51 -17.26 16.50
N ASN A 267 2.11 -18.17 17.26
CA ASN A 267 3.43 -17.91 17.81
C ASN A 267 4.47 -17.73 16.71
N ASP A 268 4.39 -18.59 15.69
CA ASP A 268 5.29 -18.51 14.54
C ASP A 268 5.06 -17.22 13.72
N HIS A 269 3.80 -16.83 13.59
CA HIS A 269 3.45 -15.58 12.92
C HIS A 269 4.09 -14.40 13.64
N ILE A 270 4.05 -14.45 14.97
CA ILE A 270 4.64 -13.41 15.79
C ILE A 270 6.16 -13.41 15.65
N SER A 271 6.75 -14.61 15.69
CA SER A 271 8.20 -14.74 15.51
C SER A 271 8.65 -14.14 14.17
N VAL A 272 7.87 -14.37 13.13
CA VAL A 272 8.19 -13.81 11.81
C VAL A 272 8.11 -12.28 11.85
N ALA A 273 7.07 -11.75 12.47
CA ALA A 273 6.90 -10.31 12.63
C ALA A 273 8.06 -9.69 13.41
N CYS A 274 8.46 -10.34 14.50
CA CYS A 274 9.58 -9.83 15.27
C CYS A 274 10.85 -9.75 14.43
N ASN A 275 11.08 -10.79 13.62
CA ASN A 275 12.29 -10.88 12.85
C ASN A 275 12.31 -9.86 11.72
N TRP A 276 11.13 -9.45 11.24
CA TRP A 276 11.05 -8.32 10.32
C TRP A 276 11.74 -7.12 10.97
N GLY A 277 11.48 -6.93 12.26
CA GLY A 277 12.10 -5.84 13.01
C GLY A 277 13.61 -5.97 13.14
N TRP A 278 14.03 -7.14 13.61
CA TRP A 278 15.45 -7.42 13.75
C TRP A 278 16.20 -7.21 12.44
N ASP A 279 15.60 -7.65 11.34
CA ASP A 279 16.27 -7.49 10.04
C ASP A 279 16.32 -6.03 9.58
N ALA A 280 15.19 -5.33 9.68
CA ALA A 280 15.11 -3.93 9.27
C ALA A 280 16.18 -3.10 9.98
N LYS A 281 16.37 -3.41 11.26
CA LYS A 281 17.32 -2.71 12.12
C LYS A 281 18.74 -2.74 11.56
N LYS A 282 19.07 -3.82 10.86
CA LYS A 282 20.42 -3.99 10.34
C LYS A 282 20.68 -3.19 9.06
N GLU A 283 19.63 -2.68 8.43
CA GLU A 283 19.77 -2.02 7.14
C GLU A 283 20.38 -0.64 7.25
N SER A 284 20.92 -0.14 6.14
CA SER A 284 21.67 1.12 6.15
C SER A 284 20.92 2.31 5.55
N HIS A 285 19.67 2.11 5.11
CA HIS A 285 18.83 3.26 4.81
C HIS A 285 17.74 3.34 5.85
N TRP A 286 17.25 4.55 6.09
CA TRP A 286 15.98 4.74 6.77
C TRP A 286 15.01 3.81 6.08
N ASN A 287 14.11 3.21 6.84
CA ASN A 287 13.16 2.28 6.25
C ASN A 287 11.86 2.29 7.02
N VAL A 288 10.76 2.11 6.31
CA VAL A 288 9.43 2.16 6.89
C VAL A 288 8.63 0.99 6.35
N ALA A 289 7.83 0.35 7.21
CA ALA A 289 6.90 -0.67 6.77
C ALA A 289 5.66 0.02 6.19
N GLY A 290 5.70 0.30 4.89
CA GLY A 290 4.71 1.13 4.24
C GLY A 290 3.41 0.42 3.89
N SER A 291 3.37 -0.89 4.11
CA SER A 291 2.14 -1.66 3.99
C SER A 291 2.24 -2.94 4.78
N TRP A 292 1.19 -3.24 5.54
CA TRP A 292 1.09 -4.42 6.36
C TRP A 292 -0.35 -4.39 6.85
N SER A 293 -0.81 -5.48 7.45
CA SER A 293 -2.17 -5.45 7.99
C SER A 293 -2.33 -6.41 9.16
N ALA A 294 -3.58 -6.67 9.55
CA ALA A 294 -3.85 -7.53 10.68
C ALA A 294 -4.17 -8.93 10.17
N ALA A 295 -4.17 -9.07 8.84
CA ALA A 295 -4.65 -10.29 8.22
C ALA A 295 -3.79 -11.50 8.55
N LEU A 296 -4.44 -12.55 9.04
CA LEU A 296 -3.78 -13.83 9.28
C LEU A 296 -4.35 -14.86 8.31
N THR A 297 -5.25 -14.39 7.46
CA THR A 297 -5.84 -15.20 6.41
C THR A 297 -5.91 -14.38 5.14
N ASP A 298 -6.06 -15.05 4.01
CA ASP A 298 -6.39 -14.37 2.76
C ASP A 298 -7.87 -14.51 2.45
N CYS A 299 -8.71 -14.44 3.48
CA CYS A 299 -10.15 -14.71 3.31
C CYS A 299 -11.00 -13.57 2.77
N ALA A 300 -10.53 -12.34 2.88
CA ALA A 300 -11.33 -11.21 2.41
C ALA A 300 -11.73 -11.48 0.96
N LYS A 301 -13.00 -11.26 0.65
CA LYS A 301 -13.50 -11.53 -0.69
C LYS A 301 -12.66 -10.78 -1.72
N TRP A 302 -12.17 -11.52 -2.70
CA TRP A 302 -11.40 -10.97 -3.81
C TRP A 302 -10.02 -10.41 -3.46
N LEU A 303 -9.53 -10.71 -2.25
CA LEU A 303 -8.20 -10.23 -1.88
C LEU A 303 -7.14 -10.66 -2.91
N ASN A 304 -7.28 -11.88 -3.41
CA ASN A 304 -6.37 -12.43 -4.39
C ASN A 304 -6.73 -12.01 -5.81
N GLY A 305 -7.89 -11.38 -5.94
CA GLY A 305 -8.38 -10.91 -7.24
C GLY A 305 -9.81 -11.31 -7.48
N VAL A 306 -10.47 -10.61 -8.40
CA VAL A 306 -11.84 -10.96 -8.79
C VAL A 306 -11.83 -12.38 -9.32
N ASN A 307 -12.88 -13.15 -8.97
CA ASN A 307 -13.06 -14.54 -9.42
C ASN A 307 -11.93 -15.47 -8.99
N ARG A 308 -11.31 -15.15 -7.85
CA ARG A 308 -10.33 -16.03 -7.23
C ARG A 308 -10.69 -16.22 -5.77
N GLY A 309 -10.57 -17.46 -5.31
CA GLY A 309 -10.92 -17.80 -3.94
C GLY A 309 -9.77 -17.55 -2.97
N ALA A 310 -9.91 -18.11 -1.78
CA ALA A 310 -8.91 -17.97 -0.72
C ALA A 310 -8.09 -19.23 -0.56
N ARG A 311 -6.77 -19.09 -0.52
CA ARG A 311 -5.90 -20.22 -0.23
C ARG A 311 -6.23 -20.79 1.15
N TYR A 312 -6.69 -19.93 2.05
CA TYR A 312 -6.97 -20.33 3.42
C TYR A 312 -7.98 -21.46 3.53
N GLU A 313 -8.96 -21.47 2.63
CA GLU A 313 -9.94 -22.54 2.64
C GLU A 313 -9.72 -23.47 1.44
N GLY A 314 -8.49 -23.47 0.94
CA GLY A 314 -8.12 -24.32 -0.19
C GLY A 314 -8.88 -24.04 -1.46
N ALA A 315 -9.10 -22.76 -1.73
CA ALA A 315 -9.89 -22.41 -2.89
C ALA A 315 -9.13 -21.49 -3.86
N TYR A 316 -7.81 -21.58 -3.85
CA TYR A 316 -7.04 -20.82 -4.82
C TYR A 316 -5.67 -21.41 -5.09
N ASP A 317 -5.28 -21.40 -6.37
CA ASP A 317 -3.93 -21.72 -6.77
C ASP A 317 -3.52 -23.09 -6.25
N ASN A 318 -4.44 -24.05 -6.39
CA ASN A 318 -4.21 -25.43 -5.92
C ASN A 318 -3.76 -25.54 -4.46
N ALA A 319 -4.01 -24.51 -3.66
CA ALA A 319 -3.67 -24.53 -2.24
C ALA A 319 -4.63 -25.43 -1.49
N PRO A 320 -4.17 -26.01 -0.36
CA PRO A 320 -5.02 -26.91 0.43
C PRO A 320 -5.75 -26.19 1.57
N TYR A 321 -6.88 -26.78 1.94
CA TYR A 321 -7.71 -26.26 3.02
C TYR A 321 -6.96 -26.14 4.34
N ILE A 322 -7.06 -24.98 4.96
CA ILE A 322 -6.60 -24.81 6.32
C ILE A 322 -7.78 -24.58 7.26
N GLY A 323 -8.64 -23.64 6.88
CA GLY A 323 -9.82 -23.33 7.65
C GLY A 323 -10.89 -22.67 6.81
N SER A 324 -12.10 -22.55 7.35
CA SER A 324 -13.19 -21.94 6.61
C SER A 324 -13.10 -20.41 6.71
N CYS A 325 -13.39 -19.71 5.61
CA CYS A 325 -13.29 -18.25 5.60
C CYS A 325 -14.59 -17.61 6.05
N GLN A 326 -15.69 -18.26 5.74
CA GLN A 326 -17.00 -17.65 5.99
C GLN A 326 -17.21 -17.20 7.44
N PRO A 327 -16.76 -17.99 8.44
CA PRO A 327 -16.87 -17.49 9.82
C PRO A 327 -15.94 -16.32 10.12
N LEU A 328 -14.98 -16.04 9.23
CA LEU A 328 -14.01 -14.99 9.50
C LEU A 328 -14.32 -13.69 8.76
N LEU A 329 -15.38 -13.68 7.95
CA LEU A 329 -15.68 -12.52 7.10
C LEU A 329 -16.22 -11.33 7.90
N ASP A 330 -16.88 -11.61 9.01
CA ASP A 330 -17.47 -10.58 9.85
C ASP A 330 -16.87 -10.62 11.25
N ILE A 331 -16.30 -9.50 11.66
CA ILE A 331 -15.52 -9.42 12.88
C ILE A 331 -16.38 -9.69 14.13
N SER A 332 -17.67 -9.44 14.04
CA SER A 332 -18.56 -9.73 15.17
C SER A 332 -18.69 -11.24 15.39
N GLN A 333 -18.40 -12.04 14.36
CA GLN A 333 -18.50 -13.50 14.48
C GLN A 333 -17.16 -14.19 14.76
N TRP A 334 -16.11 -13.41 15.01
CA TRP A 334 -14.80 -14.00 15.27
C TRP A 334 -14.78 -14.72 16.62
N SER A 335 -14.08 -15.85 16.67
CA SER A 335 -13.85 -16.52 17.94
C SER A 335 -12.95 -15.66 18.82
N ASP A 336 -13.01 -15.89 20.12
CA ASP A 336 -12.12 -15.21 21.07
C ASP A 336 -10.67 -15.45 20.71
N GLU A 337 -10.37 -16.68 20.26
CA GLU A 337 -9.02 -17.02 19.82
C GLU A 337 -8.55 -16.12 18.66
N HIS A 338 -9.40 -15.94 17.65
CA HIS A 338 -8.99 -15.13 16.52
C HIS A 338 -8.82 -13.66 16.88
N LYS A 339 -9.65 -13.15 17.79
CA LYS A 339 -9.50 -11.79 18.27
C LYS A 339 -8.18 -11.62 19.00
N THR A 340 -7.88 -12.59 19.87
CA THR A 340 -6.61 -12.56 20.59
C THR A 340 -5.40 -12.65 19.65
N ASP A 341 -5.45 -13.61 18.73
CA ASP A 341 -4.40 -13.78 17.73
C ASP A 341 -4.16 -12.46 16.98
N THR A 342 -5.24 -11.81 16.57
CA THR A 342 -5.13 -10.55 15.84
C THR A 342 -4.47 -9.44 16.65
N ARG A 343 -4.89 -9.27 17.91
CA ARG A 343 -4.29 -8.23 18.74
C ARG A 343 -2.80 -8.49 18.98
N ARG A 344 -2.45 -9.75 19.24
CA ARG A 344 -1.05 -10.10 19.44
C ARG A 344 -0.24 -9.80 18.20
N TYR A 345 -0.82 -10.11 17.05
CA TYR A 345 -0.14 -9.96 15.77
C TYR A 345 0.04 -8.50 15.45
N ILE A 346 -0.99 -7.69 15.72
CA ILE A 346 -0.87 -6.27 15.45
C ILE A 346 0.19 -5.65 16.35
N GLU A 347 0.18 -6.03 17.63
CA GLU A 347 1.13 -5.45 18.58
C GLU A 347 2.56 -5.86 18.26
N ALA A 348 2.75 -7.11 17.87
CA ALA A 348 4.09 -7.57 17.50
C ALA A 348 4.61 -6.79 16.30
N GLN A 349 3.74 -6.54 15.32
CA GLN A 349 4.15 -5.82 14.13
C GLN A 349 4.46 -4.36 14.45
N LEU A 350 3.61 -3.73 15.24
CA LEU A 350 3.86 -2.37 15.70
C LEU A 350 5.25 -2.22 16.35
N ASP A 351 5.58 -3.12 17.27
CA ASP A 351 6.88 -3.10 17.95
C ASP A 351 8.00 -3.25 16.94
N ALA A 352 7.83 -4.22 16.04
CA ALA A 352 8.85 -4.47 15.02
C ALA A 352 9.07 -3.24 14.15
N PHE A 353 7.97 -2.64 13.69
CA PHE A 353 8.07 -1.54 12.75
C PHE A 353 8.54 -0.23 13.40
N GLU A 354 8.12 0.02 14.65
CA GLU A 354 8.62 1.20 15.36
C GLU A 354 10.08 1.04 15.76
N TYR A 355 10.63 -0.16 15.61
CA TYR A 355 12.04 -0.41 15.93
C TYR A 355 12.93 0.31 14.93
N THR A 356 12.38 0.65 13.77
CA THR A 356 13.06 1.57 12.85
C THR A 356 12.16 2.77 12.52
N GLY A 357 11.84 2.98 11.24
CA GLY A 357 11.19 4.19 10.79
C GLY A 357 9.69 4.31 11.07
N GLY A 358 9.06 3.20 11.40
CA GLY A 358 7.63 3.23 11.68
C GLY A 358 6.82 2.41 10.70
N TRP A 359 5.52 2.66 10.66
CA TRP A 359 4.60 1.76 9.96
C TRP A 359 3.47 2.51 9.30
N VAL A 360 2.94 1.92 8.23
CA VAL A 360 1.79 2.49 7.53
C VAL A 360 0.82 1.35 7.21
N PHE A 361 -0.25 1.28 7.99
CA PHE A 361 -1.19 0.19 7.90
C PHE A 361 -1.95 0.20 6.58
N TRP A 362 -2.11 -0.96 5.97
CA TRP A 362 -3.01 -1.08 4.82
C TRP A 362 -4.30 -1.79 5.24
N SER A 363 -5.42 -1.08 5.32
CA SER A 363 -5.53 0.31 4.91
C SER A 363 -6.42 1.06 5.92
N TRP A 364 -6.60 2.35 5.73
CA TRP A 364 -7.47 3.12 6.62
C TRP A 364 -8.86 2.52 6.72
N LYS A 365 -9.43 2.12 5.58
CA LYS A 365 -10.80 1.63 5.55
C LYS A 365 -11.07 0.70 4.38
N THR A 366 -12.05 -0.18 4.57
CA THR A 366 -12.56 -1.06 3.52
C THR A 366 -14.07 -1.05 3.68
N GLU A 367 -14.77 -1.49 2.66
CA GLU A 367 -16.22 -1.58 2.79
C GLU A 367 -16.58 -2.59 3.87
N ASN A 368 -15.94 -3.75 3.84
CA ASN A 368 -16.37 -4.82 4.71
C ASN A 368 -15.31 -5.89 4.89
N ALA A 369 -14.05 -5.47 4.88
CA ALA A 369 -12.96 -6.42 5.10
C ALA A 369 -12.17 -5.97 6.34
N PRO A 370 -12.58 -6.50 7.50
CA PRO A 370 -12.11 -6.05 8.82
C PRO A 370 -10.59 -6.21 9.04
N GLU A 371 -10.00 -7.29 8.51
CA GLU A 371 -8.57 -7.52 8.65
C GLU A 371 -7.72 -6.42 8.00
N TRP A 372 -8.36 -5.67 7.10
CA TRP A 372 -7.68 -4.70 6.25
C TRP A 372 -8.13 -3.27 6.52
N SER A 373 -8.79 -3.06 7.65
CA SER A 373 -9.33 -1.74 8.00
C SER A 373 -8.87 -1.27 9.37
N PHE A 374 -8.07 -0.21 9.37
CA PHE A 374 -7.63 0.41 10.62
C PHE A 374 -8.83 0.83 11.47
N GLN A 375 -9.82 1.45 10.83
CA GLN A 375 -11.05 1.87 11.50
C GLN A 375 -11.75 0.71 12.20
N THR A 376 -12.00 -0.36 11.44
CA THR A 376 -12.77 -1.47 11.97
C THR A 376 -12.04 -2.15 13.13
N LEU A 377 -10.75 -2.40 12.95
CA LEU A 377 -9.97 -3.04 13.99
C LEU A 377 -9.89 -2.17 15.25
N THR A 378 -9.74 -0.86 15.07
CA THR A 378 -9.73 0.05 16.20
C THR A 378 -11.06 0.04 16.94
N TYR A 379 -12.17 0.10 16.18
CA TYR A 379 -13.50 0.15 16.77
C TYR A 379 -13.77 -1.13 17.55
N ASN A 380 -13.19 -2.24 17.12
CA ASN A 380 -13.40 -3.52 17.78
C ASN A 380 -12.37 -3.86 18.86
N GLY A 381 -11.52 -2.90 19.19
CA GLY A 381 -10.56 -3.08 20.25
C GLY A 381 -9.41 -4.03 19.94
N LEU A 382 -9.15 -4.26 18.64
CA LEU A 382 -8.08 -5.17 18.26
C LEU A 382 -6.84 -4.41 17.83
N PHE A 383 -7.04 -3.23 17.28
CA PHE A 383 -5.90 -2.33 17.05
C PHE A 383 -5.78 -1.42 18.26
N PRO A 384 -4.63 -1.48 18.93
CA PRO A 384 -4.40 -0.66 20.13
C PRO A 384 -4.79 0.81 19.91
N GLN A 385 -5.50 1.36 20.90
CA GLN A 385 -5.87 2.77 20.89
C GLN A 385 -5.81 3.25 22.34
N PRO A 386 -4.85 4.13 22.65
CA PRO A 386 -3.83 4.65 21.73
C PRO A 386 -2.91 3.56 21.18
N VAL A 387 -2.23 3.87 20.08
CA VAL A 387 -1.46 2.88 19.35
C VAL A 387 -0.25 2.39 20.14
N THR A 388 0.06 3.05 21.25
CA THR A 388 1.14 2.61 22.13
C THR A 388 0.69 1.55 23.14
N ASP A 389 -0.62 1.36 23.27
CA ASP A 389 -1.17 0.36 24.19
C ASP A 389 -0.69 -1.06 23.89
N ARG A 390 -0.37 -1.81 24.94
CA ARG A 390 0.05 -3.20 24.78
C ARG A 390 -0.67 -4.14 25.74
N GLN A 391 -1.50 -5.03 25.19
CA GLN A 391 -2.12 -6.10 25.97
C GLN A 391 -1.18 -7.27 26.03
N PHE A 392 -0.25 -7.31 25.09
CA PHE A 392 0.72 -8.39 25.01
C PHE A 392 2.11 -7.79 24.88
N PRO A 393 2.59 -7.20 25.97
CA PRO A 393 3.81 -6.39 25.90
C PRO A 393 5.03 -7.23 25.58
N ASN A 394 5.93 -6.65 24.79
CA ASN A 394 7.27 -7.18 24.60
C ASN A 394 7.31 -8.61 24.07
N GLN A 395 6.54 -8.88 23.03
CA GLN A 395 6.58 -10.20 22.44
C GLN A 395 7.89 -10.45 21.68
N CYS A 396 8.63 -9.38 21.38
CA CYS A 396 9.82 -9.51 20.53
C CYS A 396 11.16 -9.34 21.25
N GLY A 397 11.20 -8.55 22.32
CA GLY A 397 12.42 -8.39 23.07
C GLY A 397 13.49 -7.59 22.35
N PHE A 398 13.09 -6.49 21.73
CA PHE A 398 14.04 -5.64 21.03
C PHE A 398 14.97 -4.92 22.02
N HIS A 399 16.23 -4.72 21.62
CA HIS A 399 17.25 -4.10 22.48
C HIS A 399 17.69 -2.77 21.89
C1 GLF B . -0.11 -4.16 -0.84
C2 GLF B . -0.64 -3.54 -2.13
C3 GLF B . -2.04 -2.99 -1.91
C4 GLF B . -2.90 -4.17 -1.50
C5 GLF B . -2.32 -4.83 -0.24
C6 GLF B . -3.03 -6.13 0.10
F1 GLF B . -0.13 -3.22 0.17
O2 GLF B . 0.21 -2.48 -2.53
O3 GLF B . -2.52 -2.35 -3.10
O4 GLF B . -4.28 -3.79 -1.34
O5 GLF B . -0.97 -5.22 -0.48
O6 GLF B . -2.79 -7.06 -0.96
C1 PNW C . 1.20 -10.60 -3.72
N1 PNW C . 7.36 -12.24 -4.54
O1 PNW C . 2.04 -11.57 -3.11
C2 PNW C . -0.16 -11.23 -3.96
O2 PNW C . 0.00 -12.30 -4.91
C3 PNW C . -1.15 -10.21 -4.50
O3 PNW C . -2.46 -10.76 -4.62
C4 PNW C . -1.22 -9.04 -3.53
O4 PNW C . -2.06 -8.03 -4.10
C5 PNW C . 0.18 -8.49 -3.32
O5 PNW C . 1.06 -9.51 -2.81
C6 PNW C . 0.16 -7.35 -2.33
O6 PNW C . -0.40 -7.80 -1.10
C7 PNW C . 3.36 -11.70 -3.47
O7 PNW C . 7.86 -13.34 -4.42
C8 PNW C . 3.95 -12.95 -3.36
O8 PNW C . 8.02 -11.31 -4.96
C9 PNW C . 5.28 -13.12 -3.71
C10 PNW C . 6.01 -12.04 -4.19
C11 PNW C . 5.41 -10.79 -4.31
C12 PNW C . 4.08 -10.62 -3.96
C1 GOL D . 19.05 7.10 5.30
O1 GOL D . 18.43 6.36 4.31
C2 GOL D . 20.29 7.79 4.74
O2 GOL D . 21.05 8.22 5.86
C3 GOL D . 19.88 8.99 3.91
O3 GOL D . 19.31 8.55 2.69
#